data_4Y1D
#
_entry.id   4Y1D
#
_cell.length_a   60.800
_cell.length_b   62.600
_cell.length_c   82.000
_cell.angle_alpha   90.00
_cell.angle_beta   90.00
_cell.angle_gamma   90.00
#
_symmetry.space_group_name_H-M   'P 21 21 21'
#
loop_
_entity.id
_entity.type
_entity.pdbx_description
1 polymer Integrase
2 polymer 'Cyclic hexapeptide cyc[NdPopPKID]'
3 non-polymer 'CADMIUM ION'
4 non-polymer 'CHLORIDE ION'
5 non-polymer 'SULFATE ION'
6 water water
#
loop_
_entity_poly.entity_id
_entity_poly.type
_entity_poly.pdbx_seq_one_letter_code
_entity_poly.pdbx_strand_id
1 'polypeptide(L)'
;MGSHMHGQVDSSPGIWQLDCTHLEGKVILVAVHVASGYIEAEVIPAETGQETAYFLLKLAGRWPVKTVHTDNGSNFTSTT
VKAACDWAGIKQEDGIPYNPQSQGVIESMNKELKKIIGQVRDQAEHLKTAVQMAVFIHNHKRKGGIGGYSAGERIVDIIA
TDIQTKE
;
A,B
2 'polypeptide(L)' K(NLE)DN(DVA)(45W) D
#
# COMPACT_ATOMS: atom_id res chain seq x y z
N SER A 12 -2.01 -20.16 6.86
CA SER A 12 -1.09 -19.49 7.86
C SER A 12 -0.83 -17.97 7.66
N PRO A 13 -1.36 -17.14 8.60
CA PRO A 13 -1.69 -15.71 8.32
C PRO A 13 -0.55 -14.71 8.05
N GLY A 14 0.65 -15.00 8.56
CA GLY A 14 1.76 -14.05 8.42
C GLY A 14 2.83 -14.40 7.38
N ILE A 15 2.54 -15.36 6.50
CA ILE A 15 3.52 -15.80 5.49
C ILE A 15 3.31 -15.22 4.11
N TRP A 16 4.37 -14.60 3.57
CA TRP A 16 4.35 -14.00 2.25
C TRP A 16 5.46 -14.57 1.37
N GLN A 17 5.27 -14.55 0.05
CA GLN A 17 6.33 -14.91 -0.89
C GLN A 17 6.63 -13.68 -1.75
N LEU A 18 7.91 -13.38 -1.99
CA LEU A 18 8.25 -12.17 -2.76
C LEU A 18 9.02 -12.63 -4.03
N ASP A 19 8.68 -12.10 -5.21
CA ASP A 19 9.26 -12.54 -6.51
C ASP A 19 9.42 -11.37 -7.42
N CYS A 20 10.38 -11.48 -8.35
CA CYS A 20 10.68 -10.42 -9.28
C CYS A 20 10.20 -10.83 -10.65
N THR A 21 9.72 -9.86 -11.41
CA THR A 21 9.44 -10.04 -12.81
C THR A 21 10.11 -8.87 -13.51
N HIS A 22 10.66 -9.16 -14.67
CA HIS A 22 11.33 -8.21 -15.49
C HIS A 22 10.43 -7.93 -16.69
N LEU A 23 10.13 -6.66 -16.90
CA LEU A 23 9.32 -6.22 -18.05
C LEU A 23 9.83 -4.89 -18.49
N GLU A 24 9.97 -4.73 -19.81
CA GLU A 24 10.43 -3.47 -20.40
C GLU A 24 11.67 -2.89 -19.76
N GLY A 25 12.59 -3.76 -19.35
CA GLY A 25 13.80 -3.29 -18.70
C GLY A 25 13.60 -2.71 -17.31
N LYS A 26 12.40 -2.91 -16.75
CA LYS A 26 12.14 -2.52 -15.37
C LYS A 26 11.93 -3.78 -14.54
N VAL A 27 11.82 -3.64 -13.22
CA VAL A 27 11.64 -4.80 -12.37
C VAL A 27 10.33 -4.56 -11.61
N ILE A 28 9.51 -5.60 -11.48
CA ILE A 28 8.29 -5.55 -10.65
C ILE A 28 8.56 -6.45 -9.49
N LEU A 29 8.50 -5.88 -8.29
CA LEU A 29 8.55 -6.71 -7.09
C LEU A 29 7.13 -7.11 -6.70
N VAL A 30 6.88 -8.40 -6.52
CA VAL A 30 5.52 -8.90 -6.26
C VAL A 30 5.50 -9.65 -4.96
N ALA A 31 4.70 -9.15 -4.01
CA ALA A 31 4.49 -9.85 -2.74
C ALA A 31 3.10 -10.53 -2.81
N VAL A 32 3.06 -11.83 -2.60
CA VAL A 32 1.81 -12.63 -2.54
C VAL A 32 1.58 -13.14 -1.14
N HIS A 33 0.41 -12.84 -0.60
CA HIS A 33 0.03 -13.40 0.66
C HIS A 33 -0.43 -14.81 0.41
N VAL A 34 0.36 -15.77 0.88
CA VAL A 34 0.17 -17.18 0.48
C VAL A 34 -1.23 -17.81 0.70
N ALA A 35 -1.82 -17.57 1.84
CA ALA A 35 -3.08 -18.19 2.22
C ALA A 35 -4.27 -17.59 1.42
N SER A 36 -4.14 -16.37 0.87
CA SER A 36 -5.26 -15.66 0.21
C SER A 36 -5.10 -15.46 -1.27
N GLY A 37 -3.85 -15.34 -1.75
CA GLY A 37 -3.58 -15.01 -3.15
C GLY A 37 -3.58 -13.49 -3.33
N TYR A 38 -3.78 -12.75 -2.24
CA TYR A 38 -3.77 -11.24 -2.36
C TYR A 38 -2.35 -10.77 -2.79
N ILE A 39 -2.24 -9.77 -3.66
CA ILE A 39 -0.92 -9.27 -4.01
C ILE A 39 -0.66 -7.79 -3.75
N GLU A 40 0.61 -7.43 -3.55
CA GLU A 40 0.98 -6.02 -3.69
C GLU A 40 2.17 -6.01 -4.63
N ALA A 41 2.38 -4.90 -5.32
CA ALA A 41 3.48 -4.87 -6.28
C ALA A 41 4.02 -3.46 -6.38
N GLU A 42 5.30 -3.32 -6.71
CA GLU A 42 5.81 -1.97 -7.00
C GLU A 42 6.73 -2.09 -8.18
N VAL A 43 6.84 -1.01 -8.93
CA VAL A 43 7.75 -0.99 -10.06
C VAL A 43 8.98 -0.16 -9.64
N ILE A 44 10.16 -0.73 -9.82
CA ILE A 44 11.43 -0.08 -9.45
C ILE A 44 12.44 -0.10 -10.63
N PRO A 45 13.40 0.84 -10.66
CA PRO A 45 14.41 0.82 -11.77
C PRO A 45 15.27 -0.45 -11.85
N ALA A 46 15.80 -0.90 -10.72
CA ALA A 46 16.59 -2.13 -10.62
C ALA A 46 16.34 -2.78 -9.26
N GLU A 47 16.71 -4.06 -9.15
CA GLU A 47 16.49 -4.93 -8.01
C GLU A 47 17.59 -4.66 -6.97
N THR A 48 17.47 -3.58 -6.22
CA THR A 48 18.56 -3.23 -5.34
C THR A 48 18.23 -3.55 -3.88
N GLY A 49 19.24 -3.64 -3.02
CA GLY A 49 18.98 -3.85 -1.59
C GLY A 49 18.15 -2.72 -0.98
N GLN A 50 18.44 -1.47 -1.34
CA GLN A 50 17.67 -0.32 -0.83
C GLN A 50 16.15 -0.42 -1.15
N GLU A 51 15.85 -0.78 -2.38
CA GLU A 51 14.43 -0.83 -2.81
C GLU A 51 13.71 -1.98 -2.18
N THR A 52 14.44 -3.07 -2.00
CA THR A 52 13.85 -4.22 -1.38
C THR A 52 13.48 -3.98 0.08
N ALA A 53 14.42 -3.39 0.81
CA ALA A 53 14.15 -3.05 2.20
C ALA A 53 12.97 -2.11 2.30
N TYR A 54 12.92 -1.12 1.43
CA TYR A 54 11.87 -0.11 1.50
C TYR A 54 10.52 -0.81 1.24
N PHE A 55 10.49 -1.72 0.28
CA PHE A 55 9.23 -2.40 -0.06
C PHE A 55 8.78 -3.22 1.11
N LEU A 56 9.72 -3.94 1.77
CA LEU A 56 9.37 -4.78 2.96
C LEU A 56 8.86 -3.96 4.18
N LEU A 57 9.41 -2.77 4.45
CA LEU A 57 8.88 -1.97 5.56
C LEU A 57 7.50 -1.45 5.22
N LYS A 58 7.27 -1.09 3.97
CA LYS A 58 5.92 -0.67 3.63
C LYS A 58 4.93 -1.80 3.84
N LEU A 59 5.27 -2.99 3.35
CA LEU A 59 4.38 -4.15 3.53
C LEU A 59 4.08 -4.43 4.98
N ALA A 60 5.10 -4.36 5.82
CA ALA A 60 5.01 -4.71 7.23
C ALA A 60 4.25 -3.68 8.06
N GLY A 61 4.14 -2.45 7.58
CA GLY A 61 3.41 -1.42 8.37
C GLY A 61 1.93 -1.60 8.05
N ARG A 62 1.63 -2.36 6.97
CA ARG A 62 0.25 -2.55 6.51
C ARG A 62 -0.40 -3.85 6.96
N TRP A 63 0.36 -4.94 6.95
CA TRP A 63 -0.14 -6.29 7.23
C TRP A 63 0.75 -6.90 8.27
N PRO A 64 0.28 -7.94 8.97
CA PRO A 64 1.14 -8.60 10.01
C PRO A 64 2.13 -9.64 9.48
N VAL A 65 3.28 -9.18 8.99
CA VAL A 65 4.20 -10.00 8.13
C VAL A 65 5.10 -10.71 9.13
N LYS A 66 5.15 -12.03 9.09
CA LYS A 66 6.04 -12.75 10.04
C LYS A 66 7.20 -13.39 9.29
N THR A 67 6.88 -13.95 8.12
CA THR A 67 7.87 -14.69 7.36
C THR A 67 7.75 -14.33 5.90
N VAL A 68 8.90 -14.09 5.25
CA VAL A 68 8.89 -13.85 3.85
C VAL A 68 9.72 -14.93 3.20
N HIS A 69 9.19 -15.56 2.16
CA HIS A 69 9.94 -16.54 1.34
C HIS A 69 10.43 -15.84 0.11
N THR A 70 11.72 -15.99 -0.25
CA THR A 70 12.28 -15.28 -1.39
C THR A 70 13.14 -16.10 -2.29
N ASP A 71 13.58 -15.49 -3.38
CA ASP A 71 14.46 -16.17 -4.36
C ASP A 71 15.93 -16.18 -3.88
N ASN A 72 16.24 -15.68 -2.68
CA ASN A 72 17.66 -15.72 -2.22
C ASN A 72 18.74 -14.89 -2.97
N GLY A 73 18.34 -14.15 -4.02
CA GLY A 73 19.19 -13.19 -4.75
C GLY A 73 19.91 -12.18 -3.82
N SER A 74 20.86 -11.44 -4.38
CA SER A 74 21.72 -10.61 -3.57
C SER A 74 20.97 -9.43 -2.98
N ASN A 75 19.90 -8.97 -3.62
CA ASN A 75 19.08 -7.94 -2.96
C ASN A 75 18.57 -8.35 -1.56
N PHE A 76 18.38 -9.65 -1.28
CA PHE A 76 17.84 -10.09 0.03
C PHE A 76 18.82 -10.32 1.13
N THR A 77 20.08 -10.40 0.72
CA THR A 77 21.22 -10.62 1.58
C THR A 77 21.79 -9.31 2.13
N SER A 78 21.46 -8.16 1.56
CA SER A 78 22.17 -6.92 1.88
C SER A 78 22.01 -6.57 3.36
N THR A 79 22.95 -5.81 3.92
CA THR A 79 22.88 -5.46 5.33
C THR A 79 21.64 -4.53 5.54
N THR A 80 21.28 -3.73 4.56
CA THR A 80 20.12 -2.83 4.76
C THR A 80 18.83 -3.66 4.80
N VAL A 81 18.72 -4.71 3.98
CA VAL A 81 17.55 -5.60 4.12
C VAL A 81 17.56 -6.33 5.46
N LYS A 82 18.74 -6.81 5.91
CA LYS A 82 18.75 -7.47 7.22
C LYS A 82 18.32 -6.48 8.34
N ALA A 83 18.81 -5.23 8.31
CA ALA A 83 18.45 -4.21 9.34
C ALA A 83 16.92 -3.91 9.30
N ALA A 84 16.34 -3.83 8.08
CA ALA A 84 14.87 -3.67 7.94
C ALA A 84 14.10 -4.85 8.52
N CYS A 85 14.52 -6.06 8.16
CA CYS A 85 13.86 -7.25 8.67
C CYS A 85 13.95 -7.38 10.21
N ASP A 86 15.13 -7.09 10.78
CA ASP A 86 15.36 -7.07 12.25
C ASP A 86 14.44 -6.07 12.90
N TRP A 87 14.35 -4.87 12.35
CA TRP A 87 13.51 -3.81 12.92
C TRP A 87 12.03 -4.23 12.87
N ALA A 88 11.58 -4.81 11.77
CA ALA A 88 10.14 -5.09 11.58
C ALA A 88 9.70 -6.42 12.15
N GLY A 89 10.62 -7.24 12.61
CA GLY A 89 10.29 -8.51 13.17
C GLY A 89 10.01 -9.54 12.09
N ILE A 90 10.71 -9.44 10.95
CA ILE A 90 10.41 -10.34 9.81
C ILE A 90 11.50 -11.42 9.77
N LYS A 91 11.10 -12.66 9.55
CA LYS A 91 12.05 -13.75 9.41
C LYS A 91 12.20 -14.09 7.93
N GLN A 92 13.44 -14.20 7.45
CA GLN A 92 13.74 -14.31 6.03
C GLN A 92 13.87 -15.74 5.51
N GLU A 93 14.32 -16.66 6.36
CA GLU A 93 14.43 -18.09 5.99
C GLU A 93 13.88 -18.45 4.60
N ILE A 106 1.11 -20.15 -5.95
CA ILE A 106 1.67 -18.79 -5.88
C ILE A 106 2.47 -18.40 -7.14
N GLU A 107 3.15 -19.38 -7.76
CA GLU A 107 3.82 -19.16 -9.05
C GLU A 107 2.81 -18.88 -10.18
N SER A 108 1.60 -19.43 -10.02
CA SER A 108 0.49 -19.12 -10.91
C SER A 108 0.02 -17.65 -10.74
N MET A 109 -0.21 -17.21 -9.50
CA MET A 109 -0.61 -15.82 -9.16
C MET A 109 0.20 -14.80 -9.95
N ASN A 110 1.51 -15.06 -10.05
CA ASN A 110 2.47 -14.27 -10.84
C ASN A 110 2.32 -14.34 -12.35
N LYS A 111 1.97 -15.51 -12.84
CA LYS A 111 1.70 -15.66 -14.26
C LYS A 111 0.39 -14.98 -14.58
N GLU A 112 -0.59 -15.14 -13.68
CA GLU A 112 -1.87 -14.44 -13.74
C GLU A 112 -1.67 -12.93 -13.73
N LEU A 113 -0.71 -12.43 -12.94
CA LEU A 113 -0.53 -10.99 -12.84
C LEU A 113 0.04 -10.50 -14.13
N LYS A 114 1.08 -11.17 -14.58
CA LYS A 114 1.70 -10.88 -15.86
C LYS A 114 0.67 -10.86 -16.99
N LYS A 115 -0.24 -11.84 -17.04
CA LYS A 115 -1.26 -11.88 -18.10
C LYS A 115 -2.23 -10.69 -17.99
N ILE A 116 -2.71 -10.35 -16.78
CA ILE A 116 -3.55 -9.12 -16.62
C ILE A 116 -2.79 -7.89 -17.10
N ILE A 117 -1.51 -7.79 -16.72
CA ILE A 117 -0.72 -6.60 -17.12
C ILE A 117 -0.69 -6.47 -18.63
N GLY A 118 -0.46 -7.59 -19.32
CA GLY A 118 -0.49 -7.57 -20.78
C GLY A 118 -1.83 -7.09 -21.33
N GLN A 119 -2.93 -7.57 -20.75
CA GLN A 119 -4.27 -7.17 -21.22
C GLN A 119 -4.67 -5.69 -21.01
N VAL A 120 -4.06 -5.01 -20.02
CA VAL A 120 -4.36 -3.59 -19.76
C VAL A 120 -3.22 -2.71 -20.20
N ARG A 121 -2.10 -3.33 -20.60
CA ARG A 121 -0.87 -2.55 -20.83
C ARG A 121 -1.08 -1.30 -21.68
N ASP A 122 -1.88 -1.43 -22.72
CA ASP A 122 -2.01 -0.36 -23.71
C ASP A 122 -2.87 0.79 -23.20
N GLN A 123 -3.48 0.64 -22.03
CA GLN A 123 -4.34 1.67 -21.49
C GLN A 123 -3.56 2.66 -20.65
N ALA A 124 -2.25 2.48 -20.55
CA ALA A 124 -1.44 3.35 -19.74
C ALA A 124 -0.20 3.75 -20.48
N GLU A 125 0.20 4.99 -20.30
CA GLU A 125 1.50 5.40 -20.82
C GLU A 125 2.57 4.56 -20.10
N HIS A 126 2.61 4.61 -18.75
CA HIS A 126 3.69 3.95 -17.99
C HIS A 126 3.35 2.57 -17.49
N LEU A 127 4.34 1.67 -17.56
CA LEU A 127 4.26 0.35 -16.98
C LEU A 127 3.71 0.39 -15.56
N LYS A 128 4.15 1.35 -14.72
CA LYS A 128 3.72 1.36 -13.30
C LYS A 128 2.21 1.49 -13.17
N THR A 129 1.56 2.34 -13.96
CA THR A 129 0.09 2.44 -13.89
C THR A 129 -0.62 1.14 -14.29
N ALA A 130 -0.17 0.51 -15.37
CA ALA A 130 -0.69 -0.84 -15.76
C ALA A 130 -0.51 -1.88 -14.68
N VAL A 131 0.68 -1.91 -14.07
CA VAL A 131 0.90 -2.81 -12.94
C VAL A 131 -0.14 -2.57 -11.83
N GLN A 132 -0.34 -1.33 -11.43
CA GLN A 132 -1.29 -1.13 -10.31
C GLN A 132 -2.74 -1.40 -10.76
N MET A 133 -3.09 -1.11 -12.01
CA MET A 133 -4.46 -1.55 -12.49
C MET A 133 -4.61 -3.05 -12.40
N ALA A 134 -3.54 -3.78 -12.75
CA ALA A 134 -3.62 -5.23 -12.75
C ALA A 134 -3.73 -5.72 -11.30
N VAL A 135 -2.98 -5.08 -10.39
CA VAL A 135 -3.11 -5.43 -8.97
C VAL A 135 -4.55 -5.25 -8.48
N PHE A 136 -5.15 -4.13 -8.86
CA PHE A 136 -6.50 -3.82 -8.44
C PHE A 136 -7.42 -4.89 -9.02
N ILE A 137 -7.25 -5.21 -10.29
CA ILE A 137 -8.16 -6.15 -10.96
C ILE A 137 -8.01 -7.50 -10.27
N HIS A 138 -6.76 -7.94 -10.10
CA HIS A 138 -6.54 -9.16 -9.43
C HIS A 138 -7.14 -9.28 -8.01
N ASN A 139 -6.99 -8.25 -7.19
CA ASN A 139 -7.37 -8.39 -5.77
C ASN A 139 -8.89 -8.26 -5.59
N HIS A 140 -9.52 -7.61 -6.53
CA HIS A 140 -10.98 -7.38 -6.36
C HIS A 140 -11.86 -8.34 -7.11
N LYS A 141 -11.29 -9.13 -8.02
CA LYS A 141 -12.07 -10.10 -8.85
C LYS A 141 -12.63 -11.25 -8.02
N ARG A 142 -13.96 -11.40 -8.06
CA ARG A 142 -14.60 -12.54 -7.43
C ARG A 142 -14.19 -13.86 -8.08
N LYS A 143 -13.82 -14.87 -7.30
CA LYS A 143 -13.52 -16.21 -7.86
C LYS A 143 -14.77 -17.11 -7.67
N GLY A 144 -15.17 -17.88 -8.71
CA GLY A 144 -16.35 -18.72 -8.59
C GLY A 144 -17.66 -17.91 -8.72
N GLY A 145 -18.77 -18.51 -8.29
CA GLY A 145 -20.08 -18.00 -8.57
C GLY A 145 -20.55 -17.12 -7.44
N ILE A 146 -21.87 -17.04 -7.29
CA ILE A 146 -22.46 -16.35 -6.17
C ILE A 146 -22.06 -17.22 -4.96
N GLY A 147 -21.60 -16.60 -3.88
CA GLY A 147 -20.92 -17.32 -2.79
C GLY A 147 -19.41 -17.18 -2.84
N GLY A 148 -18.84 -16.72 -3.97
CA GLY A 148 -17.37 -16.68 -4.06
C GLY A 148 -16.81 -15.47 -3.38
N TYR A 149 -15.47 -15.41 -3.30
CA TYR A 149 -14.75 -14.27 -2.64
C TYR A 149 -13.68 -13.73 -3.61
N SER A 150 -13.25 -12.46 -3.41
CA SER A 150 -12.01 -11.96 -4.05
C SER A 150 -10.83 -12.19 -3.12
N ALA A 151 -9.62 -12.11 -3.67
CA ALA A 151 -8.43 -12.28 -2.83
C ALA A 151 -8.38 -11.19 -1.70
N GLY A 152 -8.81 -9.98 -2.00
CA GLY A 152 -8.78 -8.89 -0.99
C GLY A 152 -9.73 -9.15 0.13
N GLU A 153 -10.92 -9.72 -0.18
CA GLU A 153 -11.82 -10.20 0.87
C GLU A 153 -11.18 -11.36 1.69
N ARG A 154 -10.55 -12.34 1.03
CA ARG A 154 -9.92 -13.49 1.75
C ARG A 154 -8.83 -13.05 2.77
N ILE A 155 -7.94 -12.16 2.32
CA ILE A 155 -6.88 -11.77 3.24
C ILE A 155 -7.46 -11.09 4.46
N VAL A 156 -8.43 -10.21 4.22
CA VAL A 156 -8.95 -9.46 5.34
C VAL A 156 -9.70 -10.41 6.29
N ASP A 157 -10.42 -11.38 5.70
CA ASP A 157 -11.18 -12.34 6.53
C ASP A 157 -10.19 -13.27 7.30
N ILE A 158 -9.15 -13.75 6.62
CA ILE A 158 -8.12 -14.57 7.32
C ILE A 158 -7.56 -13.84 8.58
N ILE A 159 -7.10 -12.62 8.40
CA ILE A 159 -6.50 -11.83 9.48
C ILE A 159 -7.44 -11.43 10.58
N ALA A 160 -8.66 -11.05 10.21
CA ALA A 160 -9.68 -10.68 11.22
C ALA A 160 -9.97 -11.88 12.12
N THR A 161 -10.13 -13.06 11.50
CA THR A 161 -10.44 -14.32 12.21
C THR A 161 -9.28 -14.68 13.15
N ASP A 162 -8.06 -14.58 12.63
CA ASP A 162 -6.84 -14.77 13.45
C ASP A 162 -6.78 -13.86 14.69
N ILE A 163 -7.09 -12.55 14.56
CA ILE A 163 -7.08 -11.63 15.73
C ILE A 163 -8.13 -12.05 16.77
N GLN A 164 -9.24 -12.64 16.34
CA GLN A 164 -10.43 -12.80 17.19
C GLN A 164 -10.51 -14.19 17.84
N SER B 12 -18.03 4.03 8.95
CA SER B 12 -18.36 3.40 7.64
C SER B 12 -17.08 2.86 6.97
N PRO B 13 -17.10 1.63 6.42
CA PRO B 13 -15.83 0.98 6.15
C PRO B 13 -15.03 1.53 4.95
N GLY B 14 -15.67 2.24 4.03
CA GLY B 14 -15.06 2.60 2.74
C GLY B 14 -14.62 4.04 2.63
N ILE B 15 -14.59 4.74 3.78
CA ILE B 15 -14.34 6.18 3.82
C ILE B 15 -12.91 6.49 4.28
N TRP B 16 -12.19 7.14 3.40
CA TRP B 16 -10.79 7.58 3.67
C TRP B 16 -10.61 9.11 3.63
N GLN B 17 -9.61 9.63 4.34
CA GLN B 17 -9.31 11.06 4.20
C GLN B 17 -7.85 11.20 3.74
N LEU B 18 -7.60 12.04 2.74
CA LEU B 18 -6.22 12.23 2.32
C LEU B 18 -5.73 13.60 2.81
N ASP B 19 -4.52 13.65 3.34
CA ASP B 19 -3.94 14.95 3.76
C ASP B 19 -2.49 15.00 3.33
N CYS B 20 -1.90 16.20 3.22
CA CYS B 20 -0.50 16.30 2.80
C CYS B 20 0.22 16.94 3.95
N THR B 21 1.50 16.66 4.07
CA THR B 21 2.27 17.37 5.05
C THR B 21 3.69 17.51 4.47
N HIS B 22 4.38 18.58 4.83
CA HIS B 22 5.61 18.92 4.15
C HIS B 22 6.69 18.88 5.18
N LEU B 23 7.80 18.25 4.85
CA LEU B 23 8.84 18.01 5.86
C LEU B 23 10.13 17.96 5.11
N GLU B 24 11.13 18.62 5.71
CA GLU B 24 12.48 18.66 5.12
C GLU B 24 12.33 19.12 3.69
N GLY B 25 11.35 20.00 3.43
CA GLY B 25 11.08 20.40 2.05
C GLY B 25 10.65 19.28 1.12
N LYS B 26 10.16 18.15 1.65
CA LYS B 26 9.58 17.14 0.75
C LYS B 26 8.07 17.03 0.99
N VAL B 27 7.33 16.37 0.11
CA VAL B 27 5.90 16.13 0.43
C VAL B 27 5.47 14.68 0.79
N ILE B 28 4.72 14.57 1.87
CA ILE B 28 4.23 13.26 2.31
C ILE B 28 2.72 13.26 2.10
N LEU B 29 2.21 12.33 1.28
CA LEU B 29 0.76 12.17 1.15
C LEU B 29 0.31 11.10 2.17
N VAL B 30 -0.70 11.41 2.97
CA VAL B 30 -1.15 10.50 4.03
C VAL B 30 -2.61 10.16 3.72
N ALA B 31 -2.95 8.85 3.69
CA ALA B 31 -4.36 8.47 3.59
C ALA B 31 -4.77 7.88 4.95
N VAL B 32 -5.88 8.33 5.53
CA VAL B 32 -6.31 7.88 6.84
C VAL B 32 -7.64 7.15 6.62
N HIS B 33 -7.74 5.95 7.17
CA HIS B 33 -9.01 5.22 7.16
C HIS B 33 -9.79 5.73 8.35
N VAL B 34 -10.80 6.53 8.12
CA VAL B 34 -11.41 7.34 9.21
C VAL B 34 -11.92 6.48 10.41
N ALA B 35 -12.54 5.35 10.12
CA ALA B 35 -13.19 4.51 11.18
C ALA B 35 -12.20 3.85 12.12
N SER B 36 -10.97 3.63 11.63
CA SER B 36 -10.02 2.84 12.39
C SER B 36 -8.82 3.66 12.83
N GLY B 37 -8.52 4.79 12.15
CA GLY B 37 -7.25 5.58 12.38
C GLY B 37 -6.01 4.95 11.71
N TYR B 38 -6.21 3.92 10.91
CA TYR B 38 -5.11 3.24 10.16
C TYR B 38 -4.55 4.18 9.08
N ILE B 39 -3.25 4.23 8.90
CA ILE B 39 -2.73 5.16 7.89
C ILE B 39 -1.84 4.48 6.85
N GLU B 40 -1.77 5.06 5.65
CA GLU B 40 -0.72 4.71 4.67
C GLU B 40 -0.13 6.04 4.20
N ALA B 41 1.16 6.03 3.82
CA ALA B 41 1.84 7.32 3.51
C ALA B 41 2.92 7.09 2.49
N GLU B 42 3.25 8.10 1.68
CA GLU B 42 4.35 7.96 0.72
C GLU B 42 4.95 9.34 0.58
N VAL B 43 6.25 9.36 0.38
CA VAL B 43 6.93 10.62 0.03
C VAL B 43 6.83 10.76 -1.46
N ILE B 44 6.36 11.92 -1.90
CA ILE B 44 6.35 12.14 -3.34
C ILE B 44 7.11 13.43 -3.65
N PRO B 45 7.59 13.60 -4.90
CA PRO B 45 8.46 14.81 -5.13
C PRO B 45 7.67 16.13 -5.13
N ALA B 46 6.40 16.06 -5.51
CA ALA B 46 5.54 17.26 -5.48
C ALA B 46 4.08 16.88 -5.64
N GLU B 47 3.20 17.76 -5.16
CA GLU B 47 1.79 17.48 -5.09
C GLU B 47 1.19 17.64 -6.49
N THR B 48 1.61 16.80 -7.45
CA THR B 48 0.99 16.81 -8.76
C THR B 48 -0.18 15.87 -8.90
N GLY B 49 -0.98 16.13 -9.93
CA GLY B 49 -2.11 15.27 -10.34
C GLY B 49 -1.62 13.83 -10.56
N GLN B 50 -0.51 13.64 -11.27
CA GLN B 50 -0.15 12.29 -11.67
C GLN B 50 0.34 11.49 -10.45
N GLU B 51 1.15 12.12 -9.58
CA GLU B 51 1.60 11.50 -8.32
C GLU B 51 0.38 11.16 -7.44
N THR B 52 -0.59 12.08 -7.38
CA THR B 52 -1.73 11.86 -6.49
C THR B 52 -2.60 10.71 -7.02
N ALA B 53 -2.85 10.71 -8.31
CA ALA B 53 -3.52 9.57 -9.04
C ALA B 53 -2.90 8.19 -8.80
N TYR B 54 -1.58 8.11 -8.88
CA TYR B 54 -0.87 6.87 -8.73
C TYR B 54 -1.02 6.41 -7.27
N PHE B 55 -0.87 7.34 -6.30
CA PHE B 55 -1.10 7.01 -4.88
C PHE B 55 -2.49 6.44 -4.68
N LEU B 56 -3.50 7.07 -5.26
CA LEU B 56 -4.85 6.60 -5.02
C LEU B 56 -5.10 5.26 -5.71
N LEU B 57 -4.53 5.06 -6.90
CA LEU B 57 -4.70 3.76 -7.59
C LEU B 57 -4.11 2.62 -6.74
N LYS B 58 -2.96 2.88 -6.10
CA LYS B 58 -2.38 1.85 -5.28
C LYS B 58 -3.24 1.59 -4.08
N LEU B 59 -3.67 2.64 -3.37
CA LEU B 59 -4.49 2.50 -2.16
C LEU B 59 -5.74 1.68 -2.48
N ALA B 60 -6.40 2.04 -3.61
CA ALA B 60 -7.64 1.39 -3.97
C ALA B 60 -7.51 -0.10 -4.36
N GLY B 61 -6.32 -0.51 -4.77
CA GLY B 61 -6.06 -1.88 -5.14
C GLY B 61 -5.88 -2.73 -3.91
N ARG B 62 -5.57 -2.07 -2.78
CA ARG B 62 -5.21 -2.72 -1.51
C ARG B 62 -6.43 -2.89 -0.60
N TRP B 63 -7.31 -1.90 -0.59
CA TRP B 63 -8.50 -1.90 0.26
C TRP B 63 -9.71 -1.49 -0.51
N PRO B 64 -10.93 -1.83 -0.03
CA PRO B 64 -12.11 -1.46 -0.78
C PRO B 64 -12.52 0.02 -0.44
N VAL B 65 -12.05 0.95 -1.29
CA VAL B 65 -12.13 2.40 -1.06
C VAL B 65 -13.34 2.89 -1.82
N LYS B 66 -14.34 3.41 -1.08
CA LYS B 66 -15.60 3.91 -1.73
C LYS B 66 -15.60 5.43 -1.84
N THR B 67 -15.03 6.09 -0.84
CA THR B 67 -15.09 7.55 -0.78
C THR B 67 -13.78 8.15 -0.23
N VAL B 68 -13.33 9.21 -0.87
CA VAL B 68 -12.18 9.95 -0.36
C VAL B 68 -12.53 11.42 -0.08
N HIS B 69 -12.27 11.87 1.16
CA HIS B 69 -12.40 13.30 1.53
C HIS B 69 -11.03 13.94 1.29
N THR B 70 -10.97 15.13 0.66
CA THR B 70 -9.67 15.73 0.29
C THR B 70 -9.67 17.18 0.78
N ASP B 71 -8.53 17.84 0.67
CA ASP B 71 -8.50 19.27 1.02
C ASP B 71 -8.84 20.13 -0.18
N ASN B 72 -9.31 19.54 -1.29
CA ASN B 72 -9.58 20.31 -2.50
C ASN B 72 -8.39 21.07 -3.12
N GLY B 73 -7.18 20.68 -2.79
CA GLY B 73 -5.97 21.14 -3.49
C GLY B 73 -6.04 20.95 -5.00
N SER B 74 -5.22 21.69 -5.75
CA SER B 74 -5.29 21.66 -7.19
C SER B 74 -4.93 20.28 -7.76
N ASN B 75 -4.16 19.49 -6.99
CA ASN B 75 -3.84 18.13 -7.39
C ASN B 75 -5.09 17.26 -7.47
N PHE B 76 -6.12 17.56 -6.67
CA PHE B 76 -7.41 16.80 -6.69
C PHE B 76 -8.39 17.26 -7.70
N THR B 77 -8.29 18.51 -8.09
CA THR B 77 -9.15 19.01 -9.11
C THR B 77 -8.64 18.60 -10.47
N SER B 78 -7.45 18.02 -10.55
CA SER B 78 -6.89 17.60 -11.85
C SER B 78 -7.66 16.47 -12.55
N THR B 79 -7.57 16.43 -13.89
CA THR B 79 -8.35 15.41 -14.61
C THR B 79 -7.71 14.03 -14.46
N THR B 80 -6.40 13.92 -14.24
CA THR B 80 -5.82 12.60 -13.93
C THR B 80 -6.36 11.96 -12.66
N VAL B 81 -6.52 12.75 -11.62
CA VAL B 81 -7.15 12.26 -10.39
C VAL B 81 -8.60 11.87 -10.64
N LYS B 82 -9.38 12.73 -11.30
CA LYS B 82 -10.73 12.35 -11.65
C LYS B 82 -10.77 11.03 -12.48
N ALA B 83 -9.90 10.88 -13.46
CA ALA B 83 -9.89 9.63 -14.25
C ALA B 83 -9.59 8.42 -13.34
N ALA B 84 -8.67 8.59 -12.41
CA ALA B 84 -8.32 7.50 -11.57
C ALA B 84 -9.51 7.10 -10.70
N CYS B 85 -10.15 8.09 -10.08
CA CYS B 85 -11.24 7.83 -9.19
C CYS B 85 -12.42 7.19 -9.95
N ASP B 86 -12.71 7.64 -11.14
CA ASP B 86 -13.79 7.01 -11.91
C ASP B 86 -13.47 5.59 -12.35
N TRP B 87 -12.23 5.36 -12.78
CA TRP B 87 -11.78 3.98 -13.09
C TRP B 87 -11.91 3.06 -11.89
N ALA B 88 -11.50 3.55 -10.72
CA ALA B 88 -11.51 2.70 -9.48
C ALA B 88 -12.85 2.69 -8.77
N GLY B 89 -13.82 3.42 -9.31
CA GLY B 89 -15.12 3.69 -8.67
C GLY B 89 -15.04 4.38 -7.31
N ILE B 90 -14.24 5.43 -7.19
CA ILE B 90 -14.12 6.12 -5.91
C ILE B 90 -14.90 7.43 -6.07
N LYS B 91 -15.69 7.79 -5.07
CA LYS B 91 -16.39 9.09 -4.99
C LYS B 91 -15.52 10.07 -4.23
N GLN B 92 -15.25 11.19 -4.90
CA GLN B 92 -14.38 12.19 -4.38
C GLN B 92 -15.24 13.20 -3.67
N GLU B 93 -14.95 13.53 -2.42
CA GLU B 93 -15.65 14.60 -1.67
C GLU B 93 -14.60 15.65 -1.35
N ASP B 94 -14.50 16.63 -2.23
CA ASP B 94 -13.47 17.68 -2.14
C ASP B 94 -13.96 18.76 -1.17
N GLY B 95 -13.14 19.10 -0.19
CA GLY B 95 -13.41 20.21 0.77
C GLY B 95 -14.47 19.93 1.83
N ILE B 96 -14.77 18.67 2.06
CA ILE B 96 -15.79 18.26 3.01
C ILE B 96 -15.09 17.60 4.18
N PRO B 97 -15.19 18.19 5.38
CA PRO B 97 -14.76 17.58 6.65
C PRO B 97 -15.82 16.59 7.16
N TYR B 98 -15.42 15.38 7.56
CA TYR B 98 -16.35 14.49 8.34
C TYR B 98 -16.50 14.86 9.84
N ASN B 99 -15.81 15.92 10.28
CA ASN B 99 -15.85 16.49 11.65
C ASN B 99 -14.90 15.90 12.79
N PRO B 100 -14.73 16.61 13.93
CA PRO B 100 -13.45 16.96 14.60
C PRO B 100 -12.16 16.62 13.82
N ILE B 106 -7.02 15.75 13.51
CA ILE B 106 -6.41 15.64 12.18
C ILE B 106 -5.03 16.34 12.02
N GLU B 107 -4.97 17.67 12.14
CA GLU B 107 -3.68 18.38 12.18
C GLU B 107 -2.90 17.83 13.39
N SER B 108 -3.64 17.22 14.33
CA SER B 108 -3.09 16.35 15.39
C SER B 108 -2.37 15.13 14.81
N MET B 109 -3.04 14.40 13.89
CA MET B 109 -2.43 13.25 13.20
C MET B 109 -1.20 13.63 12.36
N ASN B 110 -1.24 14.79 11.70
CA ASN B 110 -0.04 15.34 11.07
C ASN B 110 1.07 15.69 12.05
N LYS B 111 0.72 16.41 13.11
CA LYS B 111 1.70 16.71 14.13
C LYS B 111 2.19 15.44 14.84
N GLU B 112 1.31 14.44 14.96
CA GLU B 112 1.68 13.15 15.55
C GLU B 112 2.60 12.37 14.62
N LEU B 113 2.20 12.22 13.35
CA LEU B 113 3.03 11.47 12.44
C LEU B 113 4.40 12.12 12.43
N LYS B 114 4.47 13.45 12.44
CA LYS B 114 5.77 14.16 12.42
C LYS B 114 6.54 13.98 13.73
N LYS B 115 5.81 13.74 14.80
CA LYS B 115 6.40 13.49 16.09
C LYS B 115 7.15 12.14 15.94
N ILE B 116 6.42 11.10 15.54
CA ILE B 116 7.04 9.78 15.37
C ILE B 116 8.19 9.81 14.37
N ILE B 117 8.01 10.46 13.21
CA ILE B 117 9.09 10.56 12.25
C ILE B 117 10.34 11.14 12.91
N GLY B 118 10.12 12.13 13.77
CA GLY B 118 11.22 12.80 14.49
C GLY B 118 11.95 11.82 15.41
N GLN B 119 11.20 10.95 16.08
CA GLN B 119 11.78 9.89 16.91
C GLN B 119 12.62 8.80 16.18
N VAL B 120 12.32 8.46 14.92
CA VAL B 120 13.08 7.38 14.24
C VAL B 120 14.04 7.92 13.18
N ARG B 121 14.15 9.25 13.05
CA ARG B 121 14.77 9.88 11.90
C ARG B 121 16.25 9.53 11.86
N ASP B 122 16.86 9.46 13.06
CA ASP B 122 18.28 9.08 13.23
C ASP B 122 18.58 7.59 13.01
N GLN B 123 17.56 6.79 12.72
CA GLN B 123 17.77 5.36 12.42
C GLN B 123 17.69 5.06 10.91
N ALA B 124 17.41 6.07 10.07
CA ALA B 124 17.26 5.82 8.62
C ALA B 124 18.14 6.83 7.93
N GLU B 125 18.76 6.43 6.85
CA GLU B 125 19.59 7.39 6.09
C GLU B 125 18.74 8.42 5.39
N HIS B 126 17.57 8.01 4.85
CA HIS B 126 16.64 8.87 4.09
C HIS B 126 15.27 9.05 4.66
N LEU B 127 14.72 10.24 4.47
CA LEU B 127 13.42 10.55 5.05
C LEU B 127 12.38 9.51 4.67
N LYS B 128 12.32 9.09 3.40
CA LYS B 128 11.27 8.13 3.05
C LYS B 128 11.21 6.87 3.90
N THR B 129 12.40 6.36 4.29
CA THR B 129 12.44 5.23 5.20
C THR B 129 11.90 5.56 6.57
N ALA B 130 12.27 6.72 7.14
CA ALA B 130 11.72 7.20 8.39
C ALA B 130 10.19 7.30 8.37
N VAL B 131 9.65 7.74 7.24
CA VAL B 131 8.20 7.88 7.14
C VAL B 131 7.59 6.49 7.20
N GLN B 132 8.14 5.51 6.50
CA GLN B 132 7.55 4.18 6.62
C GLN B 132 7.68 3.52 7.99
N MET B 133 8.78 3.82 8.70
CA MET B 133 8.96 3.30 10.05
C MET B 133 7.87 3.92 10.92
N ALA B 134 7.66 5.22 10.73
CA ALA B 134 6.60 5.96 11.50
C ALA B 134 5.21 5.41 11.26
N VAL B 135 4.88 5.04 9.99
CA VAL B 135 3.59 4.42 9.66
C VAL B 135 3.40 3.09 10.40
N PHE B 136 4.45 2.24 10.36
CA PHE B 136 4.49 0.97 11.08
C PHE B 136 4.23 1.22 12.58
N ILE B 137 4.93 2.15 13.21
CA ILE B 137 4.73 2.43 14.62
C ILE B 137 3.27 2.83 14.91
N HIS B 138 2.83 3.79 14.13
CA HIS B 138 1.48 4.29 14.27
C HIS B 138 0.43 3.19 14.16
N ASN B 139 0.56 2.30 13.15
CA ASN B 139 -0.52 1.35 12.90
C ASN B 139 -0.51 0.20 13.90
N HIS B 140 0.65 -0.07 14.51
CA HIS B 140 0.83 -1.15 15.50
C HIS B 140 0.65 -0.72 16.97
N LYS B 141 0.60 0.58 17.25
CA LYS B 141 0.42 1.08 18.63
C LYS B 141 -0.93 0.65 19.24
N ARG B 142 -0.88 0.00 20.41
CA ARG B 142 -2.13 -0.34 21.10
C ARG B 142 -2.70 0.90 21.81
N LYS B 143 -3.99 1.15 21.62
CA LYS B 143 -4.64 2.35 22.19
C LYS B 143 -5.77 2.05 23.16
N GLY B 148 -7.89 -3.52 24.21
CA GLY B 148 -7.24 -2.47 23.42
C GLY B 148 -6.67 -3.01 22.10
N TYR B 149 -6.96 -2.33 20.99
CA TYR B 149 -6.56 -2.79 19.65
C TYR B 149 -5.73 -1.74 18.95
N SER B 150 -4.90 -2.21 18.01
CA SER B 150 -4.11 -1.30 17.12
C SER B 150 -5.02 -0.80 15.99
N ALA B 151 -4.66 0.30 15.35
CA ALA B 151 -5.33 0.71 14.11
C ALA B 151 -5.30 -0.39 13.04
N GLY B 152 -4.19 -1.11 12.94
CA GLY B 152 -4.07 -2.24 11.95
C GLY B 152 -5.03 -3.40 12.20
N GLU B 153 -5.29 -3.68 13.47
CA GLU B 153 -6.27 -4.72 13.84
C GLU B 153 -7.72 -4.18 13.61
N ARG B 154 -7.97 -2.94 13.98
CA ARG B 154 -9.31 -2.34 13.76
C ARG B 154 -9.73 -2.22 12.31
N ILE B 155 -8.80 -1.83 11.41
CA ILE B 155 -9.22 -1.68 10.01
C ILE B 155 -9.67 -3.04 9.48
N VAL B 156 -8.90 -4.10 9.76
CA VAL B 156 -9.33 -5.41 9.18
C VAL B 156 -10.69 -5.89 9.77
N ASP B 157 -10.84 -5.73 11.08
CA ASP B 157 -12.08 -6.11 11.70
C ASP B 157 -13.28 -5.36 11.11
N ILE B 158 -13.13 -4.07 10.84
CA ILE B 158 -14.19 -3.25 10.24
C ILE B 158 -14.52 -3.61 8.81
N ILE B 159 -13.49 -3.94 8.03
CA ILE B 159 -13.66 -4.22 6.59
C ILE B 159 -14.11 -5.68 6.25
N ALA B 160 -13.73 -6.65 7.07
CA ALA B 160 -14.02 -8.05 6.84
C ALA B 160 -15.53 -8.27 6.58
N THR B 161 -15.88 -9.01 5.50
CA THR B 161 -17.31 -9.20 5.07
C THR B 161 -17.81 -10.57 5.59
N ASP B 162 -16.87 -11.42 5.96
CA ASP B 162 -17.07 -12.89 5.86
C ASP B 162 -17.87 -13.62 4.69
N LYS C 1 -5.88 7.75 -22.34
CA LYS C 1 -4.86 7.06 -21.43
C LYS C 1 -5.02 7.37 -19.91
N ASP C 3 -3.03 7.51 -16.96
CA ASP C 3 -2.07 8.43 -16.38
C ASP C 3 -1.71 9.64 -17.29
N ASN C 4 -0.55 10.56 -17.14
CA ASN C 4 -0.18 11.70 -18.10
C ASN C 4 -0.84 11.54 -19.46
#